data_5FIS
#
_entry.id   5FIS
#
_cell.length_a   82.860
_cell.length_b   135.700
_cell.length_c   51.460
_cell.angle_alpha   90.00
_cell.angle_beta   90.00
_cell.angle_gamma   90.00
#
_symmetry.space_group_name_H-M   'P 21 21 2'
#
loop_
_entity.id
_entity.type
_entity.pdbx_description
1 polymer EXD1
2 polymer EXD1
3 non-polymer 'GADOLINIUM ATOM'
4 water water
#
loop_
_entity_poly.entity_id
_entity_poly.type
_entity_poly.pdbx_seq_one_letter_code
_entity_poly.pdbx_strand_id
1 'polypeptide(L)'
;KVLKISQTKYEEILKISKKYIFINQVDKSFHEAVDDLNQQDFIAVSGDGANMGRK(CSO)KMPFLVLSTDHQIYIFDIQV
MQYHAFESGLKKILEGDSPKKIAHDCRKLSDCLYHKHNVKLKSVFDTQVGDLIITKNKKVTLPNKVKSLGECLTNYLGLQ
QNTIDEKLDIVQSTERPLSVKIKDSLARNIAFLHHLSEVINEEMQLPFYRGVECYIENIRSSDDFKAWELCGKLNQIPKE
FRNAIDY
;
A
2 'polypeptide(L)'
;KVLKISQTKYEEILKISKKYIFINQVDKSFHEAVDDLNQQDFIAVSGDGANMGRK(CSO)KMPFLVLSTDHQIYIFDIQV
MQYHAFESGLKKILEGDSPRKIAHDCRKLSDCLYHKHNVKLKSVFDTQVGDLIITKNKKVTLPNKVKSLGECLTNYLGLQ
QNTIDEKLDIVQSTERPLSVKIKDSLARNIAFLHHLSEVINEEMQLPFYRGVECYIENIRSSDDFKAWELCGKLNQIPKE
FRNAIDY
;
B
#
loop_
_chem_comp.id
_chem_comp.type
_chem_comp.name
_chem_comp.formula
GD non-polymer 'GADOLINIUM ATOM' Gd
#
# COMPACT_ATOMS: atom_id res chain seq x y z
N LEU A 3 -8.42 -12.58 17.66
CA LEU A 3 -7.74 -11.57 16.82
C LEU A 3 -6.88 -12.28 15.72
N LYS A 4 -6.93 -11.83 14.46
CA LYS A 4 -6.08 -12.29 13.31
C LYS A 4 -4.99 -11.27 13.06
N ILE A 5 -5.03 -10.18 13.81
CA ILE A 5 -3.95 -9.23 13.88
C ILE A 5 -3.22 -9.48 15.16
N SER A 6 -2.01 -9.00 15.19
CA SER A 6 -1.17 -9.16 16.33
C SER A 6 -1.67 -8.32 17.46
N GLN A 7 -1.31 -8.74 18.65
CA GLN A 7 -1.69 -8.01 19.82
C GLN A 7 -1.05 -6.60 19.85
N THR A 8 0.20 -6.54 19.39
CA THR A 8 0.93 -5.32 19.27
C THR A 8 0.22 -4.34 18.31
N LYS A 9 -0.22 -4.87 17.18
CA LYS A 9 -0.81 -3.99 16.16
C LYS A 9 -2.18 -3.51 16.68
N TYR A 10 -2.95 -4.42 17.29
CA TYR A 10 -4.19 -4.06 17.85
C TYR A 10 -4.03 -2.90 18.85
N GLU A 11 -3.10 -3.04 19.79
CA GLU A 11 -2.86 -1.99 20.76
C GLU A 11 -2.44 -0.67 20.08
N GLU A 12 -1.65 -0.77 19.01
CA GLU A 12 -1.18 0.45 18.32
C GLU A 12 -2.51 1.17 17.80
N ILE A 13 -3.37 0.40 17.18
CA ILE A 13 -4.59 1.01 16.51
C ILE A 13 -5.51 1.55 17.59
N LEU A 14 -5.67 0.84 18.75
CA LEU A 14 -6.45 1.41 19.80
C LEU A 14 -5.91 2.68 20.34
N LYS A 15 -4.60 2.84 20.42
CA LYS A 15 -4.01 4.14 20.75
C LYS A 15 -4.35 5.23 19.75
N ILE A 16 -4.21 4.88 18.48
CA ILE A 16 -4.59 5.86 17.42
C ILE A 16 -5.99 6.27 17.65
N SER A 17 -6.91 5.34 17.94
CA SER A 17 -8.29 5.69 18.13
C SER A 17 -8.56 6.75 19.23
N LYS A 18 -7.66 6.79 20.20
CA LYS A 18 -7.79 7.77 21.28
C LYS A 18 -7.13 9.14 21.04
N LYS A 19 -6.22 9.21 20.11
CA LYS A 19 -5.31 10.31 19.81
C LYS A 19 -5.76 11.16 18.64
N TYR A 20 -7.05 11.06 18.28
CA TYR A 20 -7.56 11.87 17.19
C TYR A 20 -7.38 13.34 17.44
N ILE A 21 -7.29 14.09 16.36
CA ILE A 21 -7.34 15.51 16.32
C ILE A 21 -8.64 16.08 15.72
N PHE A 22 -9.25 17.02 16.46
CA PHE A 22 -10.49 17.66 16.01
C PHE A 22 -10.15 19.05 15.51
N ILE A 23 -10.62 19.36 14.35
CA ILE A 23 -10.37 20.57 13.67
C ILE A 23 -11.66 21.28 13.30
N ASN A 24 -11.88 22.45 13.84
CA ASN A 24 -13.10 23.19 13.59
C ASN A 24 -12.91 24.61 13.06
N GLN A 25 -11.71 24.95 12.55
CA GLN A 25 -11.39 26.20 11.92
C GLN A 25 -10.31 25.98 10.97
N VAL A 26 -10.30 26.71 9.88
CA VAL A 26 -9.22 26.64 8.93
C VAL A 26 -7.98 27.41 9.50
N ASP A 27 -7.23 26.73 10.34
CA ASP A 27 -6.11 27.34 11.09
C ASP A 27 -4.88 26.53 10.97
N LYS A 28 -3.87 26.77 11.84
CA LYS A 28 -2.62 26.07 11.60
C LYS A 28 -2.84 24.53 11.66
N SER A 29 -3.66 24.03 12.56
CA SER A 29 -3.87 22.59 12.70
C SER A 29 -4.52 22.03 11.45
N PHE A 30 -5.40 22.82 10.86
CA PHE A 30 -6.01 22.39 9.59
C PHE A 30 -4.96 22.20 8.48
N HIS A 31 -4.11 23.20 8.28
CA HIS A 31 -3.09 23.12 7.24
C HIS A 31 -2.10 22.02 7.53
N GLU A 32 -1.79 21.81 8.81
CA GLU A 32 -0.91 20.72 9.20
C GLU A 32 -1.54 19.40 8.78
N ALA A 33 -2.84 19.24 9.05
CA ALA A 33 -3.51 18.04 8.68
C ALA A 33 -3.57 17.79 7.22
N VAL A 34 -3.93 18.81 6.44
CA VAL A 34 -3.93 18.65 4.98
C VAL A 34 -2.53 18.26 4.51
N ASP A 35 -1.46 18.85 5.05
CA ASP A 35 -0.13 18.51 4.58
C ASP A 35 0.16 17.04 4.93
N ASP A 36 -0.25 16.58 6.09
CA ASP A 36 0.00 15.20 6.48
C ASP A 36 -0.74 14.26 5.55
N LEU A 37 -2.03 14.51 5.32
CA LEU A 37 -2.79 13.66 4.46
C LEU A 37 -2.18 13.62 3.02
N ASN A 38 -1.70 14.73 2.53
CA ASN A 38 -1.07 14.76 1.18
C ASN A 38 0.32 14.09 1.14
N GLN A 39 0.92 13.71 2.24
CA GLN A 39 2.17 12.96 2.25
C GLN A 39 1.89 11.50 2.09
N GLN A 40 0.65 11.03 2.09
CA GLN A 40 0.34 9.60 2.15
C GLN A 40 -0.06 9.02 0.84
N ASP A 41 0.32 7.76 0.65
CA ASP A 41 -0.26 7.02 -0.51
C ASP A 41 -1.80 6.75 -0.36
N PHE A 42 -2.21 6.43 0.88
CA PHE A 42 -3.57 6.12 1.16
C PHE A 42 -4.02 6.91 2.38
N ILE A 43 -5.25 7.42 2.34
CA ILE A 43 -5.94 7.93 3.53
C ILE A 43 -7.24 7.24 3.61
N ALA A 44 -7.80 7.09 4.79
CA ALA A 44 -9.17 6.55 4.91
C ALA A 44 -10.18 7.64 5.16
N VAL A 45 -11.36 7.35 4.68
CA VAL A 45 -12.52 8.21 4.84
C VAL A 45 -13.65 7.48 5.40
N SER A 46 -14.23 7.94 6.49
CA SER A 46 -15.38 7.23 7.07
C SER A 46 -16.68 7.58 6.36
N GLY A 47 -17.66 6.68 6.43
CA GLY A 47 -18.98 6.96 5.87
C GLY A 47 -19.84 7.75 6.90
N ASP A 48 -19.36 7.84 8.13
CA ASP A 48 -20.10 8.57 9.16
C ASP A 48 -20.24 10.06 8.72
N GLY A 49 -21.50 10.54 8.89
CA GLY A 49 -21.84 11.85 8.39
C GLY A 49 -22.58 11.92 7.04
N ALA A 50 -22.53 10.83 6.26
CA ALA A 50 -23.08 10.82 4.92
C ALA A 50 -24.14 9.80 4.76
N ASN A 51 -24.81 9.44 5.85
CA ASN A 51 -25.69 8.27 5.78
C ASN A 51 -27.06 8.53 5.21
N MET A 52 -27.37 9.73 4.81
CA MET A 52 -28.56 10.06 3.99
C MET A 52 -28.20 10.43 2.55
N GLY A 53 -26.93 10.17 2.14
CA GLY A 53 -26.57 10.58 0.73
C GLY A 53 -26.83 12.05 0.52
N ARG A 54 -27.29 12.37 -0.69
CA ARG A 54 -27.58 13.71 -1.10
C ARG A 54 -28.66 14.48 -0.27
N LYS A 55 -29.37 13.75 0.51
CA LYS A 55 -30.44 14.44 1.28
C LYS A 55 -29.97 15.37 2.33
N CSO A 56 -28.78 15.21 2.92
CA CSO A 56 -28.35 16.10 4.00
CB CSO A 56 -28.50 15.20 5.26
SG CSO A 56 -30.19 14.83 5.70
C CSO A 56 -26.85 16.35 3.85
O CSO A 56 -26.10 15.40 3.53
OD CSO A 56 -30.75 16.44 6.29
N LYS A 57 -26.42 17.53 4.22
CA LYS A 57 -25.04 17.86 4.34
C LYS A 57 -24.38 17.08 5.45
N MET A 58 -23.06 16.85 5.27
CA MET A 58 -22.28 16.16 6.33
C MET A 58 -22.07 17.14 7.49
N PRO A 59 -22.27 16.67 8.73
CA PRO A 59 -21.95 17.54 9.88
C PRO A 59 -20.45 17.50 10.24
N PHE A 60 -19.77 16.46 9.74
CA PHE A 60 -18.38 16.20 10.04
C PHE A 60 -17.88 15.31 8.97
N LEU A 61 -16.55 15.28 8.83
CA LEU A 61 -15.83 14.43 7.83
C LEU A 61 -14.64 13.89 8.59
N VAL A 62 -14.52 12.56 8.64
CA VAL A 62 -13.46 11.91 9.37
C VAL A 62 -12.45 11.25 8.38
N LEU A 63 -11.16 11.67 8.45
CA LEU A 63 -10.13 11.19 7.56
C LEU A 63 -9.02 10.68 8.34
N SER A 64 -8.32 9.67 7.90
CA SER A 64 -7.18 9.23 8.71
C SER A 64 -6.01 8.86 7.80
N THR A 65 -4.79 9.05 8.31
CA THR A 65 -3.64 8.36 7.77
C THR A 65 -3.46 7.07 8.58
N ASP A 66 -2.43 6.30 8.20
CA ASP A 66 -2.10 5.09 8.92
C ASP A 66 -1.73 5.32 10.38
N HIS A 67 -1.37 6.50 10.69
CA HIS A 67 -0.92 6.87 12.04
C HIS A 67 -1.77 7.96 12.77
N GLN A 68 -2.67 8.67 12.10
CA GLN A 68 -3.35 9.77 12.71
C GLN A 68 -4.77 9.88 12.21
N ILE A 69 -5.72 10.05 13.10
CA ILE A 69 -7.11 10.38 12.75
C ILE A 69 -7.39 11.85 12.89
N TYR A 70 -8.10 12.37 11.89
CA TYR A 70 -8.56 13.76 11.90
C TYR A 70 -10.11 13.81 11.80
N ILE A 71 -10.76 14.64 12.65
CA ILE A 71 -12.20 14.92 12.52
C ILE A 71 -12.40 16.35 12.16
N PHE A 72 -12.93 16.61 10.97
CA PHE A 72 -13.12 17.96 10.48
C PHE A 72 -14.60 18.36 10.72
N ASP A 73 -14.84 19.47 11.37
CA ASP A 73 -16.18 20.01 11.58
C ASP A 73 -16.71 20.78 10.38
N ILE A 74 -17.31 20.04 9.50
CA ILE A 74 -17.83 20.61 8.29
C ILE A 74 -19.04 21.50 8.57
N GLN A 75 -19.83 21.17 9.59
CA GLN A 75 -20.96 22.03 9.90
C GLN A 75 -20.51 23.46 10.22
N VAL A 76 -19.39 23.61 10.93
CA VAL A 76 -18.87 24.88 11.29
C VAL A 76 -18.00 25.53 10.18
N MET A 77 -17.09 24.78 9.55
CA MET A 77 -16.23 25.34 8.51
C MET A 77 -16.89 25.49 7.21
N GLN A 78 -17.92 24.71 6.93
CA GLN A 78 -18.58 24.75 5.65
C GLN A 78 -17.70 24.61 4.44
N TYR A 79 -17.95 25.28 3.34
CA TYR A 79 -17.19 25.04 2.20
C TYR A 79 -15.75 25.45 2.29
N HIS A 80 -15.43 26.33 3.27
CA HIS A 80 -14.05 26.72 3.48
C HIS A 80 -13.19 25.51 3.70
N ALA A 81 -13.67 24.51 4.42
CA ALA A 81 -12.84 23.35 4.66
C ALA A 81 -12.48 22.64 3.30
N PHE A 82 -13.42 22.62 2.37
CA PHE A 82 -13.16 21.97 1.09
C PHE A 82 -12.31 22.84 0.24
N GLU A 83 -12.56 24.16 0.18
CA GLU A 83 -11.77 25.06 -0.69
C GLU A 83 -10.34 25.21 -0.24
N SER A 84 -10.10 24.98 1.03
CA SER A 84 -8.77 25.07 1.70
C SER A 84 -7.94 23.88 1.67
N GLY A 85 -8.34 22.81 1.00
CA GLY A 85 -7.50 21.68 0.77
C GLY A 85 -8.18 20.33 0.71
N LEU A 86 -9.33 20.21 1.30
CA LEU A 86 -10.02 18.92 1.36
C LEU A 86 -10.56 18.49 0.00
N LYS A 87 -11.07 19.39 -0.78
CA LYS A 87 -11.57 19.06 -2.07
C LYS A 87 -10.54 18.47 -2.94
N LYS A 88 -9.34 19.09 -3.03
CA LYS A 88 -8.33 18.55 -3.89
C LYS A 88 -7.88 17.18 -3.44
N ILE A 89 -7.79 16.93 -2.13
CA ILE A 89 -7.49 15.59 -1.60
C ILE A 89 -8.54 14.56 -2.06
N LEU A 90 -9.80 14.88 -1.91
CA LEU A 90 -10.82 13.92 -2.18
C LEU A 90 -11.02 13.65 -3.67
N GLU A 91 -10.75 14.67 -4.50
CA GLU A 91 -10.91 14.56 -5.96
C GLU A 91 -9.66 14.15 -6.69
N GLY A 92 -8.52 14.06 -6.00
CA GLY A 92 -7.27 13.75 -6.66
C GLY A 92 -6.97 12.32 -6.75
N ASP A 93 -6.01 12.00 -7.66
CA ASP A 93 -5.53 10.63 -7.77
C ASP A 93 -4.81 10.17 -6.60
N SER A 94 -4.08 11.08 -5.92
CA SER A 94 -3.27 10.66 -4.82
C SER A 94 -3.58 11.74 -3.73
N PRO A 95 -3.77 11.33 -2.48
CA PRO A 95 -3.78 9.97 -2.00
C PRO A 95 -4.99 9.24 -2.51
N LYS A 96 -4.91 7.94 -2.47
CA LYS A 96 -6.13 7.10 -2.72
C LYS A 96 -6.91 7.11 -1.43
N LYS A 97 -8.22 7.09 -1.54
CA LYS A 97 -9.08 7.08 -0.32
C LYS A 97 -9.63 5.73 -0.06
N ILE A 98 -9.37 5.20 1.11
CA ILE A 98 -9.99 3.96 1.54
C ILE A 98 -11.33 4.21 2.13
N ALA A 99 -12.35 3.48 1.68
CA ALA A 99 -13.66 3.55 2.22
C ALA A 99 -14.30 2.21 2.32
N HIS A 100 -15.27 2.03 3.18
CA HIS A 100 -16.04 0.82 3.18
C HIS A 100 -17.37 1.20 2.74
N ASP A 101 -17.73 0.77 1.56
CA ASP A 101 -19.00 1.08 0.91
C ASP A 101 -19.20 2.57 0.68
N CYS A 102 -18.49 3.10 -0.30
CA CYS A 102 -18.57 4.53 -0.55
C CYS A 102 -19.78 5.09 -1.30
N ARG A 103 -20.80 4.24 -1.53
CA ARG A 103 -21.91 4.62 -2.31
C ARG A 103 -22.58 5.90 -1.83
N LYS A 104 -22.96 5.97 -0.55
CA LYS A 104 -23.64 7.16 -0.02
C LYS A 104 -22.70 8.34 0.17
N LEU A 105 -21.46 8.05 0.58
CA LEU A 105 -20.44 9.09 0.72
C LEU A 105 -20.20 9.84 -0.54
N SER A 106 -20.11 9.07 -1.63
CA SER A 106 -19.92 9.70 -2.96
C SER A 106 -21.11 10.58 -3.34
N ASP A 107 -22.31 10.08 -3.06
CA ASP A 107 -23.52 10.81 -3.35
C ASP A 107 -23.58 12.16 -2.55
N CYS A 108 -23.30 12.04 -1.24
CA CYS A 108 -23.41 13.21 -0.36
C CYS A 108 -22.32 14.27 -0.72
N LEU A 109 -21.06 13.82 -0.86
CA LEU A 109 -19.98 14.70 -1.18
C LEU A 109 -20.25 15.51 -2.41
N TYR A 110 -20.81 14.84 -3.43
CA TYR A 110 -21.00 15.57 -4.70
C TYR A 110 -22.17 16.53 -4.67
N HIS A 111 -23.35 16.08 -4.25
CA HIS A 111 -24.55 16.90 -4.33
C HIS A 111 -24.65 17.90 -3.21
N LYS A 112 -24.09 17.62 -2.02
CA LYS A 112 -24.17 18.55 -0.91
C LYS A 112 -22.95 19.37 -0.73
N HIS A 113 -21.77 18.92 -1.26
CA HIS A 113 -20.49 19.64 -0.99
C HIS A 113 -19.69 19.91 -2.27
N ASN A 114 -20.23 19.59 -3.43
CA ASN A 114 -19.59 19.84 -4.72
CA ASN A 114 -19.60 19.81 -4.76
C ASN A 114 -18.20 19.22 -4.83
N VAL A 115 -18.01 18.05 -4.24
CA VAL A 115 -16.76 17.31 -4.19
C VAL A 115 -17.03 16.00 -4.98
N LYS A 116 -16.30 15.74 -6.04
CA LYS A 116 -16.44 14.53 -6.88
C LYS A 116 -15.37 13.56 -6.44
N LEU A 117 -15.70 12.67 -5.48
CA LEU A 117 -14.77 11.67 -4.99
C LEU A 117 -14.22 10.88 -6.14
N LYS A 118 -12.91 10.64 -6.09
CA LYS A 118 -12.19 9.86 -7.15
C LYS A 118 -11.04 9.16 -6.44
N SER A 119 -10.65 8.01 -7.00
CA SER A 119 -9.43 7.26 -6.59
C SER A 119 -9.62 6.63 -5.24
N VAL A 120 -10.38 5.56 -5.22
CA VAL A 120 -10.84 4.90 -3.98
C VAL A 120 -10.43 3.47 -3.95
N PHE A 121 -10.14 2.97 -2.76
CA PHE A 121 -9.92 1.54 -2.47
C PHE A 121 -11.08 1.19 -1.55
N ASP A 122 -12.09 0.44 -2.05
CA ASP A 122 -13.33 0.19 -1.30
C ASP A 122 -13.25 -1.24 -0.71
N THR A 123 -13.19 -1.31 0.61
CA THR A 123 -13.03 -2.62 1.29
C THR A 123 -14.27 -3.49 1.16
N GLN A 124 -15.43 -2.94 0.97
CA GLN A 124 -16.62 -3.79 0.72
C GLN A 124 -16.50 -4.44 -0.64
N VAL A 125 -16.12 -3.66 -1.69
CA VAL A 125 -15.83 -4.24 -3.00
C VAL A 125 -14.77 -5.28 -2.84
N GLY A 126 -13.71 -5.04 -2.10
CA GLY A 126 -12.61 -5.94 -1.95
C GLY A 126 -13.09 -7.29 -1.35
N ASP A 127 -13.95 -7.25 -0.33
CA ASP A 127 -14.52 -8.51 0.24
C ASP A 127 -15.36 -9.25 -0.82
N LEU A 128 -16.08 -8.52 -1.66
CA LEU A 128 -16.76 -9.17 -2.77
C LEU A 128 -15.86 -9.89 -3.73
N ILE A 129 -14.74 -9.29 -4.13
CA ILE A 129 -13.74 -9.87 -4.98
C ILE A 129 -13.15 -11.12 -4.35
N ILE A 130 -12.84 -11.01 -3.09
CA ILE A 130 -12.28 -12.18 -2.34
C ILE A 130 -13.29 -13.30 -2.39
N THR A 131 -14.52 -13.04 -2.11
CA THR A 131 -15.57 -14.04 -2.06
C THR A 131 -15.79 -14.63 -3.41
N LYS A 132 -15.86 -13.81 -4.45
CA LYS A 132 -16.00 -14.37 -5.77
C LYS A 132 -14.83 -15.25 -6.17
N ASN A 133 -13.62 -14.85 -5.82
CA ASN A 133 -12.44 -15.63 -6.17
C ASN A 133 -12.58 -17.00 -5.57
N LYS A 134 -13.05 -17.06 -4.36
CA LYS A 134 -13.12 -18.32 -3.60
C LYS A 134 -14.31 -19.19 -4.03
N LYS A 135 -15.45 -18.60 -4.18
CA LYS A 135 -16.76 -19.26 -4.39
C LYS A 135 -17.25 -19.20 -5.76
N VAL A 136 -16.41 -18.77 -6.69
CA VAL A 136 -16.74 -18.61 -8.08
C VAL A 136 -17.78 -17.56 -8.41
N THR A 137 -18.93 -17.55 -7.71
CA THR A 137 -19.93 -16.52 -7.87
C THR A 137 -19.99 -15.53 -6.69
N LEU A 138 -20.65 -14.37 -6.98
CA LEU A 138 -20.80 -13.33 -5.94
C LEU A 138 -21.81 -13.76 -4.93
N PRO A 139 -21.72 -13.27 -3.69
CA PRO A 139 -22.71 -13.55 -2.67
C PRO A 139 -23.98 -12.81 -2.93
N ASN A 140 -25.05 -13.11 -2.18
CA ASN A 140 -26.30 -12.38 -2.39
C ASN A 140 -26.45 -11.13 -1.49
N LYS A 141 -25.46 -10.82 -0.64
CA LYS A 141 -25.57 -9.60 0.15
C LYS A 141 -24.13 -9.12 0.34
N VAL A 142 -24.02 -7.85 0.75
CA VAL A 142 -22.72 -7.34 1.04
C VAL A 142 -22.46 -7.43 2.55
N LYS A 143 -21.19 -7.17 3.03
CA LYS A 143 -20.82 -7.23 4.41
C LYS A 143 -20.57 -5.88 4.95
N SER A 144 -21.09 -5.60 6.15
CA SER A 144 -20.82 -4.31 6.85
C SER A 144 -19.37 -4.17 7.20
N LEU A 145 -18.99 -2.90 7.58
CA LEU A 145 -17.64 -2.71 8.07
C LEU A 145 -17.30 -3.58 9.29
N GLY A 146 -18.24 -3.58 10.17
CA GLY A 146 -18.06 -4.42 11.42
C GLY A 146 -17.91 -5.91 11.14
N GLU A 147 -18.72 -6.41 10.19
CA GLU A 147 -18.58 -7.81 9.79
C GLU A 147 -17.24 -8.05 9.17
N CYS A 148 -16.75 -7.09 8.32
CA CYS A 148 -15.44 -7.34 7.74
C CYS A 148 -14.31 -7.25 8.73
N LEU A 149 -14.43 -6.36 9.70
CA LEU A 149 -13.43 -6.27 10.75
C LEU A 149 -13.35 -7.61 11.55
N THR A 150 -14.48 -8.15 11.81
CA THR A 150 -14.51 -9.47 12.52
C THR A 150 -13.96 -10.57 11.63
N ASN A 151 -14.40 -10.63 10.41
CA ASN A 151 -13.93 -11.62 9.49
C ASN A 151 -12.53 -11.56 9.10
N TYR A 152 -11.95 -10.39 8.80
CA TYR A 152 -10.62 -10.30 8.39
C TYR A 152 -9.56 -10.02 9.50
N LEU A 153 -9.95 -9.28 10.52
CA LEU A 153 -9.01 -8.92 11.58
C LEU A 153 -9.29 -9.66 12.89
N GLY A 154 -10.42 -10.27 13.02
CA GLY A 154 -10.73 -11.02 14.26
C GLY A 154 -11.28 -10.18 15.33
N LEU A 155 -11.73 -8.97 15.04
CA LEU A 155 -12.21 -8.10 16.08
C LEU A 155 -13.55 -8.58 16.58
N GLN A 156 -13.90 -8.09 17.75
CA GLN A 156 -15.23 -8.35 18.29
C GLN A 156 -16.38 -7.79 17.46
N GLN A 157 -17.53 -8.43 17.54
CA GLN A 157 -18.75 -7.94 16.80
C GLN A 157 -19.27 -6.56 17.05
N ASN A 158 -19.02 -5.99 18.19
CA ASN A 158 -19.70 -4.66 18.40
C ASN A 158 -18.77 -3.49 18.24
N THR A 159 -17.68 -3.65 17.47
CA THR A 159 -16.64 -2.68 17.46
C THR A 159 -17.18 -1.36 16.88
N ILE A 160 -18.02 -1.38 15.86
CA ILE A 160 -18.45 -0.15 15.12
C ILE A 160 -19.75 0.34 15.77
N ASP A 161 -19.87 1.63 16.01
CA ASP A 161 -21.18 2.24 16.48
C ASP A 161 -21.93 2.65 15.26
N GLU A 162 -22.92 1.86 14.87
CA GLU A 162 -23.57 2.02 13.57
C GLU A 162 -24.73 3.02 13.54
N LYS A 163 -25.15 3.52 14.69
CA LYS A 163 -26.32 4.42 14.73
C LYS A 163 -25.86 5.63 15.50
N LEU A 164 -25.17 6.58 14.88
CA LEU A 164 -24.82 7.76 15.69
C LEU A 164 -26.08 8.54 15.95
N ASP A 165 -26.13 9.28 17.03
CA ASP A 165 -27.35 10.02 17.35
C ASP A 165 -27.46 11.25 16.47
N ILE A 166 -28.49 11.34 15.66
CA ILE A 166 -28.56 12.37 14.64
C ILE A 166 -28.60 13.72 15.36
N VAL A 167 -29.35 13.80 16.46
CA VAL A 167 -29.47 15.10 17.13
C VAL A 167 -28.18 15.55 17.81
N GLN A 168 -27.44 14.71 18.50
CA GLN A 168 -26.22 15.11 19.09
C GLN A 168 -25.18 15.43 17.91
N SER A 169 -25.36 14.82 16.74
CA SER A 169 -24.33 14.99 15.67
C SER A 169 -24.37 16.40 15.16
N THR A 170 -25.50 17.16 15.26
CA THR A 170 -25.57 18.50 14.81
C THR A 170 -25.55 19.57 15.93
N GLU A 171 -25.41 19.11 17.18
CA GLU A 171 -25.27 20.05 18.28
C GLU A 171 -23.84 20.42 18.51
N ARG A 172 -23.60 21.69 18.84
CA ARG A 172 -22.25 22.13 19.18
C ARG A 172 -22.22 22.77 20.58
N PRO A 173 -21.14 22.61 21.33
CA PRO A 173 -19.94 21.85 20.95
C PRO A 173 -20.18 20.36 20.69
N LEU A 174 -19.42 19.81 19.77
CA LEU A 174 -19.55 18.47 19.44
C LEU A 174 -19.14 17.63 20.64
N SER A 175 -20.02 16.74 21.08
CA SER A 175 -19.68 15.96 22.28
C SER A 175 -18.47 15.03 22.16
N VAL A 176 -17.82 14.76 23.29
CA VAL A 176 -16.73 13.82 23.33
C VAL A 176 -17.21 12.44 23.03
N LYS A 177 -18.43 12.10 23.39
CA LYS A 177 -18.96 10.79 23.08
C LYS A 177 -19.02 10.56 21.52
N ILE A 178 -19.50 11.58 20.79
CA ILE A 178 -19.58 11.46 19.33
C ILE A 178 -18.15 11.47 18.78
N LYS A 179 -17.27 12.31 19.24
CA LYS A 179 -15.92 12.27 18.69
C LYS A 179 -15.20 11.00 18.89
N ASP A 180 -15.37 10.45 20.12
CA ASP A 180 -14.74 9.20 20.38
C ASP A 180 -15.28 8.05 19.46
N SER A 181 -16.60 8.01 19.21
CA SER A 181 -17.21 7.05 18.36
C SER A 181 -16.66 7.21 16.92
N LEU A 182 -16.64 8.45 16.46
CA LEU A 182 -16.16 8.69 15.11
C LEU A 182 -14.77 8.18 14.92
N ALA A 183 -13.92 8.41 15.90
CA ALA A 183 -12.57 7.92 15.81
C ALA A 183 -12.45 6.40 15.90
N ARG A 184 -13.20 5.79 16.82
CA ARG A 184 -13.19 4.32 16.90
C ARG A 184 -13.73 3.70 15.60
N ASN A 185 -14.68 4.35 14.98
CA ASN A 185 -15.31 3.79 13.77
C ASN A 185 -14.37 3.85 12.57
N ILE A 186 -13.39 4.76 12.51
CA ILE A 186 -12.42 4.74 11.42
C ILE A 186 -11.11 4.07 11.71
N ALA A 187 -10.81 3.86 13.01
CA ALA A 187 -9.47 3.47 13.42
C ALA A 187 -8.88 2.29 12.68
N PHE A 188 -9.70 1.23 12.49
CA PHE A 188 -9.23 0.03 11.90
C PHE A 188 -9.31 -0.03 10.40
N LEU A 189 -9.84 1.01 9.73
CA LEU A 189 -10.07 0.98 8.30
C LEU A 189 -8.82 0.94 7.48
N HIS A 190 -7.77 1.69 7.88
CA HIS A 190 -6.51 1.56 7.09
C HIS A 190 -5.99 0.18 7.15
N HIS A 191 -5.99 -0.46 8.35
CA HIS A 191 -5.44 -1.79 8.47
C HIS A 191 -6.28 -2.82 7.69
N LEU A 192 -7.60 -2.66 7.72
CA LEU A 192 -8.49 -3.53 6.97
C LEU A 192 -8.12 -3.51 5.51
N SER A 193 -7.85 -2.35 4.96
CA SER A 193 -7.51 -2.24 3.56
C SER A 193 -6.22 -2.97 3.22
N GLU A 194 -5.25 -2.96 4.12
CA GLU A 194 -3.99 -3.64 3.83
C GLU A 194 -4.21 -5.14 3.79
N VAL A 195 -5.01 -5.65 4.71
CA VAL A 195 -5.32 -7.09 4.75
C VAL A 195 -6.12 -7.52 3.50
N ILE A 196 -7.15 -6.78 3.17
CA ILE A 196 -8.01 -7.08 2.03
C ILE A 196 -7.17 -7.01 0.72
N ASN A 197 -6.28 -6.06 0.60
CA ASN A 197 -5.43 -5.87 -0.61
C ASN A 197 -4.58 -7.22 -0.78
N GLU A 198 -4.02 -7.73 0.30
CA GLU A 198 -3.20 -8.95 0.19
C GLU A 198 -4.03 -10.16 -0.11
N GLU A 199 -5.21 -10.22 0.51
CA GLU A 199 -6.10 -11.40 0.32
C GLU A 199 -6.74 -11.47 -1.02
N MET A 200 -6.75 -10.36 -1.76
CA MET A 200 -7.21 -10.35 -3.13
C MET A 200 -6.24 -11.00 -4.14
N GLN A 201 -5.02 -11.22 -3.73
CA GLN A 201 -3.90 -11.50 -4.60
CA GLN A 201 -3.98 -11.62 -4.73
C GLN A 201 -3.22 -12.84 -4.29
N LEU A 202 -3.96 -13.92 -4.09
CA LEU A 202 -3.39 -15.15 -3.62
C LEU A 202 -2.41 -15.73 -4.64
N PRO A 203 -2.71 -15.79 -5.93
CA PRO A 203 -1.75 -16.37 -6.94
C PRO A 203 -0.42 -15.58 -6.91
N PHE A 204 -0.51 -14.27 -6.86
CA PHE A 204 0.63 -13.38 -6.75
C PHE A 204 1.52 -13.77 -5.63
N TYR A 205 0.92 -13.88 -4.46
CA TYR A 205 1.73 -14.21 -3.30
C TYR A 205 2.38 -15.61 -3.36
N ARG A 206 1.68 -16.58 -3.98
CA ARG A 206 2.31 -17.91 -4.17
C ARG A 206 3.45 -17.74 -5.16
N GLY A 207 3.33 -16.92 -6.17
CA GLY A 207 4.43 -16.67 -7.06
C GLY A 207 5.62 -16.03 -6.36
N VAL A 208 5.34 -15.12 -5.46
CA VAL A 208 6.40 -14.54 -4.63
C VAL A 208 7.15 -15.59 -3.81
N GLU A 209 6.42 -16.45 -3.15
CA GLU A 209 7.05 -17.51 -2.31
C GLU A 209 7.86 -18.42 -3.22
N CYS A 210 7.44 -18.70 -4.45
CA CYS A 210 8.26 -19.47 -5.39
C CYS A 210 9.61 -18.78 -5.65
N TYR A 211 9.60 -17.48 -5.87
CA TYR A 211 10.82 -16.68 -6.06
C TYR A 211 11.69 -16.80 -4.80
N ILE A 212 11.07 -16.58 -3.61
CA ILE A 212 11.94 -16.45 -2.40
C ILE A 212 12.67 -17.77 -2.22
N GLU A 213 12.06 -18.88 -2.53
CA GLU A 213 12.65 -20.22 -2.32
C GLU A 213 13.50 -20.72 -3.44
N ASN A 214 13.35 -20.22 -4.70
CA ASN A 214 13.82 -20.90 -5.88
C ASN A 214 15.33 -21.18 -5.77
N ILE A 215 16.12 -20.12 -5.56
CA ILE A 215 17.55 -20.29 -5.44
C ILE A 215 17.97 -20.66 -4.02
N ARG A 216 17.40 -19.91 -3.06
CA ARG A 216 17.76 -20.14 -1.62
C ARG A 216 17.69 -21.63 -1.19
N SER A 217 16.62 -22.35 -1.59
CA SER A 217 16.42 -23.73 -1.14
C SER A 217 17.20 -24.71 -1.93
N SER A 218 17.85 -24.34 -3.00
CA SER A 218 18.52 -25.30 -3.90
C SER A 218 19.91 -25.66 -3.37
N ASP A 219 20.39 -26.81 -3.77
CA ASP A 219 21.76 -27.14 -3.51
C ASP A 219 22.71 -26.29 -4.35
N ASP A 220 24.03 -26.37 -4.04
CA ASP A 220 24.90 -25.36 -4.61
C ASP A 220 24.92 -25.45 -6.10
N PHE A 221 24.96 -26.66 -6.63
CA PHE A 221 25.02 -26.80 -8.09
CA PHE A 221 25.03 -26.77 -8.12
C PHE A 221 23.81 -26.17 -8.76
N LYS A 222 22.63 -26.58 -8.31
CA LYS A 222 21.41 -25.99 -8.85
C LYS A 222 21.32 -24.53 -8.71
N ALA A 223 21.66 -24.03 -7.54
CA ALA A 223 21.65 -22.64 -7.26
C ALA A 223 22.50 -21.88 -8.30
N TRP A 224 23.72 -22.38 -8.47
CA TRP A 224 24.60 -21.64 -9.42
C TRP A 224 24.06 -21.71 -10.88
N GLU A 225 23.49 -22.81 -11.31
CA GLU A 225 22.84 -22.93 -12.64
C GLU A 225 21.73 -21.91 -12.75
N LEU A 226 20.96 -21.75 -11.67
CA LEU A 226 19.87 -20.81 -11.70
C LEU A 226 20.36 -19.37 -11.77
N CYS A 227 21.48 -19.07 -11.13
CA CYS A 227 22.07 -17.71 -11.19
C CYS A 227 22.46 -17.43 -12.65
N GLY A 228 22.75 -18.43 -13.46
CA GLY A 228 22.99 -18.20 -14.93
C GLY A 228 21.75 -18.18 -15.84
N LYS A 229 20.55 -18.18 -15.27
CA LYS A 229 19.30 -18.32 -16.04
C LYS A 229 18.21 -17.46 -15.49
N LEU A 230 18.60 -16.31 -14.98
CA LEU A 230 17.61 -15.40 -14.38
C LEU A 230 16.73 -14.71 -15.38
N ASN A 231 16.97 -14.82 -16.71
CA ASN A 231 15.94 -14.29 -17.60
C ASN A 231 14.75 -15.22 -17.74
N GLN A 232 14.83 -16.42 -17.12
CA GLN A 232 13.79 -17.40 -17.20
C GLN A 232 12.95 -17.39 -15.89
N ILE A 233 11.71 -17.75 -16.03
CA ILE A 233 10.79 -18.03 -14.98
C ILE A 233 11.20 -19.27 -14.26
N PRO A 234 11.10 -19.34 -12.95
CA PRO A 234 11.36 -20.58 -12.26
C PRO A 234 10.50 -21.73 -12.74
N LYS A 235 11.05 -22.94 -12.73
CA LYS A 235 10.37 -24.06 -13.35
C LYS A 235 9.03 -24.41 -12.72
N GLU A 236 8.86 -24.15 -11.39
CA GLU A 236 7.66 -24.44 -10.71
C GLU A 236 6.68 -23.27 -10.59
N PHE A 237 7.02 -22.20 -11.24
CA PHE A 237 6.19 -20.95 -11.06
C PHE A 237 4.80 -21.08 -11.56
N ARG A 238 4.63 -21.72 -12.73
CA ARG A 238 3.22 -21.91 -13.18
C ARG A 238 2.37 -22.66 -12.31
N ASN A 239 2.91 -23.73 -11.78
CA ASN A 239 2.22 -24.50 -10.77
C ASN A 239 1.90 -23.81 -9.49
N ALA A 240 2.85 -22.98 -9.04
CA ALA A 240 2.61 -22.17 -7.90
C ALA A 240 1.44 -21.23 -8.06
N ILE A 241 1.35 -20.49 -9.15
CA ILE A 241 0.32 -19.47 -9.31
C ILE A 241 -1.01 -20.02 -9.75
N ASP A 242 -1.03 -21.20 -10.35
CA ASP A 242 -2.28 -21.94 -10.62
C ASP A 242 -3.16 -22.13 -9.37
N TYR A 243 -4.47 -22.05 -9.56
CA TYR A 243 -5.39 -22.61 -8.53
C TYR A 243 -6.26 -23.54 -9.35
N LEU B 3 6.65 9.79 -20.01
CA LEU B 3 6.38 9.48 -18.54
C LEU B 3 4.88 9.08 -18.37
N LYS B 4 4.56 7.99 -17.65
CA LYS B 4 3.18 7.61 -17.18
C LYS B 4 2.95 8.03 -15.75
N ILE B 5 3.98 8.52 -15.13
CA ILE B 5 3.97 9.16 -13.83
C ILE B 5 3.88 10.65 -14.11
N SER B 6 3.40 11.41 -13.13
CA SER B 6 3.35 12.84 -13.22
C SER B 6 4.70 13.50 -13.13
N GLN B 7 4.83 14.66 -13.72
CA GLN B 7 6.08 15.38 -13.67
C GLN B 7 6.47 15.71 -12.22
N THR B 8 5.48 16.08 -11.42
CA THR B 8 5.65 16.41 -10.04
C THR B 8 6.24 15.18 -9.32
N LYS B 9 5.63 14.04 -9.54
CA LYS B 9 6.04 12.81 -8.79
C LYS B 9 7.46 12.45 -9.27
N TYR B 10 7.70 12.49 -10.59
CA TYR B 10 9.02 12.22 -11.08
C TYR B 10 10.10 13.09 -10.38
N GLU B 11 9.85 14.43 -10.31
CA GLU B 11 10.75 15.30 -9.66
C GLU B 11 10.92 15.00 -8.20
N GLU B 12 9.87 14.56 -7.56
CA GLU B 12 9.98 14.23 -6.11
C GLU B 12 10.88 13.02 -5.96
N ILE B 13 10.74 12.04 -6.81
CA ILE B 13 11.59 10.81 -6.70
C ILE B 13 13.04 11.14 -7.03
N LEU B 14 13.28 11.96 -8.07
CA LEU B 14 14.61 12.37 -8.34
C LEU B 14 15.30 13.04 -7.15
N LYS B 15 14.53 13.85 -6.43
CA LYS B 15 15.08 14.52 -5.23
C LYS B 15 15.40 13.50 -4.17
N ILE B 16 14.49 12.55 -3.96
CA ILE B 16 14.77 11.45 -3.03
C ILE B 16 16.09 10.71 -3.41
N SER B 17 16.32 10.47 -4.70
CA SER B 17 17.53 9.80 -5.13
C SER B 17 18.79 10.47 -4.74
N LYS B 18 18.75 11.80 -4.63
CA LYS B 18 19.92 12.60 -4.24
C LYS B 18 20.13 12.73 -2.75
N LYS B 19 19.13 12.47 -1.92
CA LYS B 19 19.09 12.78 -0.48
C LYS B 19 19.32 11.47 0.36
N TYR B 20 19.98 10.42 -0.22
CA TYR B 20 20.23 9.21 0.55
C TYR B 20 21.11 9.45 1.73
N ILE B 21 20.92 8.66 2.76
CA ILE B 21 21.70 8.60 3.96
C ILE B 21 22.56 7.31 3.97
N PHE B 22 23.87 7.52 4.09
CA PHE B 22 24.84 6.40 4.15
C PHE B 22 25.23 6.12 5.57
N ILE B 23 25.18 4.85 5.94
CA ILE B 23 25.34 4.43 7.29
C ILE B 23 26.40 3.40 7.36
N ASN B 24 27.50 3.66 8.14
CA ASN B 24 28.62 2.74 8.20
C ASN B 24 29.07 2.41 9.59
N GLN B 25 28.21 2.69 10.59
CA GLN B 25 28.39 2.33 12.01
C GLN B 25 27.10 2.13 12.63
N VAL B 26 27.06 1.29 13.67
CA VAL B 26 25.87 1.14 14.41
C VAL B 26 25.78 2.29 15.44
N ASP B 27 25.30 3.40 14.98
CA ASP B 27 25.26 4.65 15.80
C ASP B 27 23.84 5.24 15.72
N LYS B 28 23.70 6.50 16.16
CA LYS B 28 22.36 7.07 16.19
C LYS B 28 21.67 7.11 14.78
N SER B 29 22.43 7.40 13.74
CA SER B 29 21.83 7.38 12.43
C SER B 29 21.34 5.98 12.05
N PHE B 30 22.09 4.95 12.41
CA PHE B 30 21.63 3.58 12.21
C PHE B 30 20.29 3.34 12.87
N HIS B 31 20.18 3.69 14.14
CA HIS B 31 18.96 3.40 14.89
C HIS B 31 17.77 4.25 14.40
N GLU B 32 18.04 5.48 13.98
CA GLU B 32 17.02 6.32 13.43
C GLU B 32 16.50 5.66 12.10
N ALA B 33 17.43 5.14 11.30
CA ALA B 33 17.04 4.44 10.07
C ALA B 33 16.22 3.26 10.34
N VAL B 34 16.67 2.41 11.25
CA VAL B 34 15.91 1.19 11.59
C VAL B 34 14.50 1.60 12.12
N ASP B 35 14.38 2.61 12.97
CA ASP B 35 13.10 3.04 13.50
C ASP B 35 12.20 3.58 12.36
N ASP B 36 12.74 4.33 11.37
CA ASP B 36 11.97 4.82 10.25
C ASP B 36 11.46 3.67 9.39
N LEU B 37 12.32 2.74 9.05
CA LEU B 37 11.95 1.53 8.24
C LEU B 37 10.79 0.81 8.96
N ASN B 38 10.87 0.67 10.27
CA ASN B 38 9.85 -0.04 11.05
C ASN B 38 8.52 0.66 11.22
N GLN B 39 8.46 1.93 10.87
CA GLN B 39 7.20 2.68 10.85
C GLN B 39 6.44 2.50 9.55
N GLN B 40 7.01 1.77 8.59
CA GLN B 40 6.38 1.72 7.25
C GLN B 40 5.62 0.41 7.04
N ASP B 41 4.59 0.48 6.22
CA ASP B 41 3.97 -0.71 5.71
C ASP B 41 4.84 -1.46 4.68
N PHE B 42 5.56 -0.70 3.88
CA PHE B 42 6.39 -1.31 2.81
C PHE B 42 7.73 -0.60 2.87
N ILE B 43 8.83 -1.34 2.72
CA ILE B 43 10.17 -0.77 2.42
C ILE B 43 10.61 -1.41 1.12
N ALA B 44 11.44 -0.79 0.36
CA ALA B 44 12.08 -1.43 -0.75
C ALA B 44 13.49 -1.86 -0.46
N VAL B 45 13.91 -2.97 -1.10
CA VAL B 45 15.24 -3.55 -0.97
C VAL B 45 15.80 -3.73 -2.34
N SER B 46 17.00 -3.21 -2.60
CA SER B 46 17.60 -3.37 -3.92
C SER B 46 18.31 -4.70 -4.00
N GLY B 47 18.39 -5.26 -5.19
CA GLY B 47 19.24 -6.42 -5.45
C GLY B 47 20.72 -6.13 -5.54
N ASP B 48 21.07 -4.84 -5.65
CA ASP B 48 22.50 -4.45 -5.66
C ASP B 48 23.23 -4.99 -4.45
N GLY B 49 24.40 -5.57 -4.70
CA GLY B 49 25.14 -6.23 -3.66
C GLY B 49 24.99 -7.73 -3.48
N ALA B 50 23.90 -8.28 -4.09
CA ALA B 50 23.65 -9.72 -3.95
C ALA B 50 23.75 -10.45 -5.27
N ASN B 51 24.49 -9.87 -6.23
CA ASN B 51 24.42 -10.46 -7.59
C ASN B 51 25.11 -11.78 -7.78
N MET B 52 25.88 -12.30 -6.81
CA MET B 52 26.41 -13.61 -6.90
C MET B 52 25.69 -14.57 -5.95
N GLY B 53 24.49 -14.20 -5.46
CA GLY B 53 23.78 -15.10 -4.54
C GLY B 53 24.61 -15.51 -3.41
N ARG B 54 24.54 -16.79 -3.03
CA ARG B 54 25.28 -17.34 -1.96
C ARG B 54 26.84 -17.36 -2.11
N LYS B 55 27.33 -17.02 -3.28
CA LYS B 55 28.83 -17.08 -3.45
C LYS B 55 29.55 -15.99 -2.73
N CSO B 56 28.91 -14.87 -2.36
CA CSO B 56 29.68 -13.73 -1.82
CB CSO B 56 29.96 -12.79 -2.94
SG CSO B 56 31.29 -13.50 -3.87
C CSO B 56 28.77 -12.97 -0.85
O CSO B 56 27.60 -12.82 -1.19
OD CSO B 56 32.69 -13.30 -2.93
N LYS B 57 29.34 -12.50 0.26
CA LYS B 57 28.68 -11.59 1.12
C LYS B 57 28.29 -10.30 0.38
N MET B 58 27.27 -9.57 0.91
CA MET B 58 26.86 -8.32 0.31
C MET B 58 27.81 -7.24 0.85
N PRO B 59 28.38 -6.41 -0.03
CA PRO B 59 29.19 -5.27 0.48
C PRO B 59 28.38 -4.15 1.08
N PHE B 60 27.09 -4.07 0.67
CA PHE B 60 26.17 -3.03 1.11
C PHE B 60 24.78 -3.56 0.89
N LEU B 61 23.85 -2.91 1.57
CA LEU B 61 22.42 -3.23 1.51
C LEU B 61 21.70 -1.94 1.38
N VAL B 62 20.90 -1.78 0.37
CA VAL B 62 20.15 -0.55 0.09
C VAL B 62 18.69 -0.76 0.39
N LEU B 63 18.14 0.02 1.34
CA LEU B 63 16.77 -0.04 1.72
C LEU B 63 16.11 1.29 1.58
N SER B 64 14.83 1.36 1.27
CA SER B 64 14.24 2.67 1.27
C SER B 64 12.81 2.58 1.88
N THR B 65 12.38 3.75 2.39
CA THR B 65 10.94 4.03 2.52
C THR B 65 10.46 4.79 1.31
N ASP B 66 9.18 5.15 1.34
CA ASP B 66 8.61 5.87 0.21
C ASP B 66 9.20 7.31 0.11
N HIS B 67 9.84 7.77 1.19
CA HIS B 67 10.44 9.13 1.31
C HIS B 67 11.94 9.19 1.52
N GLN B 68 12.67 8.08 1.84
CA GLN B 68 14.04 8.14 2.21
C GLN B 68 14.77 6.88 1.85
N ILE B 69 15.96 7.06 1.24
CA ILE B 69 16.81 5.96 0.91
C ILE B 69 17.99 5.84 1.91
N TYR B 70 18.25 4.61 2.31
CA TYR B 70 19.38 4.29 3.20
C TYR B 70 20.34 3.31 2.57
N ILE B 71 21.65 3.56 2.62
CA ILE B 71 22.69 2.63 2.18
C ILE B 71 23.41 2.17 3.44
N PHE B 72 23.34 0.89 3.76
CA PHE B 72 24.08 0.31 4.86
C PHE B 72 25.36 -0.39 4.38
N ASP B 73 26.44 0.02 4.98
CA ASP B 73 27.76 -0.56 4.68
C ASP B 73 27.97 -1.85 5.47
N ILE B 74 27.43 -2.95 4.89
CA ILE B 74 27.53 -4.29 5.44
C ILE B 74 28.97 -4.76 5.53
N GLN B 75 29.78 -4.35 4.58
CA GLN B 75 31.18 -4.81 4.60
C GLN B 75 31.85 -4.32 5.87
N VAL B 76 31.60 -3.09 6.24
CA VAL B 76 32.26 -2.53 7.41
C VAL B 76 31.55 -2.91 8.70
N MET B 77 30.23 -2.86 8.73
CA MET B 77 29.48 -3.22 9.98
C MET B 77 29.41 -4.70 10.23
N GLN B 78 29.54 -5.57 9.20
CA GLN B 78 29.38 -6.99 9.34
C GLN B 78 28.12 -7.42 10.04
N TYR B 79 28.13 -8.54 10.76
CA TYR B 79 26.92 -9.07 11.20
C TYR B 79 26.18 -8.16 12.22
N HIS B 80 26.93 -7.21 12.76
CA HIS B 80 26.38 -6.30 13.74
C HIS B 80 25.19 -5.53 13.21
N ALA B 81 25.23 -5.19 11.93
CA ALA B 81 24.14 -4.41 11.34
C ALA B 81 22.86 -5.24 11.31
N PHE B 82 23.00 -6.56 11.11
CA PHE B 82 21.86 -7.44 11.13
C PHE B 82 21.33 -7.68 12.51
N GLU B 83 22.26 -7.95 13.46
CA GLU B 83 21.80 -8.22 14.81
C GLU B 83 21.18 -6.99 15.46
N SER B 84 21.61 -5.80 15.07
CA SER B 84 21.07 -4.56 15.60
C SER B 84 19.80 -4.00 14.97
N GLY B 85 19.17 -4.73 14.04
CA GLY B 85 17.87 -4.39 13.58
C GLY B 85 17.52 -4.79 12.17
N LEU B 86 18.51 -4.96 11.33
CA LEU B 86 18.22 -5.30 9.93
C LEU B 86 17.66 -6.69 9.76
N LYS B 87 18.11 -7.65 10.57
CA LYS B 87 17.55 -9.00 10.46
C LYS B 87 16.13 -9.03 10.75
N LYS B 88 15.69 -8.40 11.86
CA LYS B 88 14.30 -8.46 12.18
C LYS B 88 13.38 -7.76 11.12
N ILE B 89 13.90 -6.71 10.54
CA ILE B 89 13.16 -6.07 9.44
C ILE B 89 12.97 -7.06 8.29
N LEU B 90 14.05 -7.68 7.89
CA LEU B 90 14.06 -8.53 6.68
C LEU B 90 13.28 -9.85 6.88
N GLU B 91 13.26 -10.38 8.12
CA GLU B 91 12.61 -11.64 8.46
C GLU B 91 11.17 -11.45 8.86
N GLY B 92 10.76 -10.26 9.21
CA GLY B 92 9.45 -9.99 9.78
C GLY B 92 8.37 -9.83 8.78
N ASP B 93 7.12 -10.01 9.26
CA ASP B 93 5.95 -9.82 8.41
C ASP B 93 5.74 -8.41 7.98
N SER B 94 6.05 -7.47 8.90
CA SER B 94 5.92 -6.08 8.59
C SER B 94 7.25 -5.39 9.00
N PRO B 95 7.76 -4.48 8.16
CA PRO B 95 7.25 -4.08 6.88
C PRO B 95 7.34 -5.18 5.82
N ARG B 96 6.50 -5.10 4.82
CA ARG B 96 6.70 -5.92 3.64
C ARG B 96 7.85 -5.37 2.84
N LYS B 97 8.67 -6.20 2.23
CA LYS B 97 9.82 -5.79 1.44
C LYS B 97 9.44 -5.81 -0.04
N ILE B 98 9.62 -4.68 -0.72
CA ILE B 98 9.46 -4.62 -2.18
C ILE B 98 10.76 -4.92 -2.78
N ALA B 99 10.81 -5.84 -3.75
CA ALA B 99 12.00 -6.19 -4.46
C ALA B 99 11.63 -6.44 -5.92
N HIS B 100 12.59 -6.28 -6.81
CA HIS B 100 12.40 -6.67 -8.21
C HIS B 100 13.30 -7.91 -8.38
N ASP B 101 12.68 -9.08 -8.53
CA ASP B 101 13.40 -10.36 -8.66
C ASP B 101 14.30 -10.63 -7.46
N CYS B 102 13.64 -11.01 -6.38
CA CYS B 102 14.38 -11.32 -5.13
C CYS B 102 15.06 -12.60 -5.11
N ARG B 103 15.21 -13.35 -6.21
CA ARG B 103 15.76 -14.74 -6.10
C ARG B 103 17.16 -14.76 -5.59
N LYS B 104 18.09 -13.92 -6.13
CA LYS B 104 19.46 -13.96 -5.64
C LYS B 104 19.64 -13.29 -4.29
N LEU B 105 18.90 -12.23 -4.05
CA LEU B 105 18.87 -11.60 -2.74
C LEU B 105 18.53 -12.55 -1.62
N SER B 106 17.50 -13.32 -1.84
CA SER B 106 17.09 -14.32 -0.84
C SER B 106 18.21 -15.30 -0.61
N ASP B 107 18.84 -15.80 -1.68
CA ASP B 107 19.93 -16.78 -1.53
C ASP B 107 21.12 -16.20 -0.77
N CYS B 108 21.50 -14.97 -1.14
CA CYS B 108 22.67 -14.29 -0.49
C CYS B 108 22.40 -14.00 0.97
N LEU B 109 21.25 -13.39 1.25
CA LEU B 109 20.94 -13.08 2.65
C LEU B 109 20.95 -14.29 3.53
N TYR B 110 20.39 -15.40 3.06
CA TYR B 110 20.32 -16.61 3.95
C TYR B 110 21.68 -17.23 4.10
N HIS B 111 22.36 -17.57 3.02
CA HIS B 111 23.57 -18.39 3.12
C HIS B 111 24.83 -17.63 3.53
N LYS B 112 24.86 -16.34 3.26
CA LYS B 112 26.01 -15.49 3.62
C LYS B 112 25.72 -14.63 4.85
N HIS B 113 24.45 -14.32 5.20
CA HIS B 113 24.18 -13.45 6.35
C HIS B 113 23.25 -14.06 7.38
N ASN B 114 22.78 -15.31 7.20
CA ASN B 114 21.88 -15.98 8.14
C ASN B 114 20.58 -15.22 8.34
N VAL B 115 20.07 -14.57 7.26
CA VAL B 115 18.85 -13.84 7.28
C VAL B 115 17.86 -14.53 6.34
N LYS B 116 16.74 -14.96 6.84
CA LYS B 116 15.73 -15.68 6.07
C LYS B 116 14.68 -14.60 5.65
N LEU B 117 14.89 -14.03 4.48
CA LEU B 117 13.91 -13.07 3.91
C LEU B 117 12.51 -13.62 3.90
N LYS B 118 11.53 -12.81 4.32
CA LYS B 118 10.14 -13.18 4.33
C LYS B 118 9.25 -11.94 4.15
N SER B 119 8.08 -12.10 3.56
CA SER B 119 7.09 -11.03 3.41
C SER B 119 7.49 -9.99 2.36
N VAL B 120 7.37 -10.43 1.09
CA VAL B 120 7.90 -9.70 -0.05
C VAL B 120 6.79 -9.37 -1.04
N PHE B 121 6.87 -8.19 -1.65
CA PHE B 121 6.12 -7.81 -2.85
C PHE B 121 7.15 -7.79 -3.97
N ASP B 122 7.06 -8.71 -4.92
CA ASP B 122 8.11 -8.80 -5.97
C ASP B 122 7.50 -8.19 -7.23
N THR B 123 8.04 -7.11 -7.71
CA THR B 123 7.49 -6.42 -8.91
C THR B 123 7.76 -7.24 -10.18
N GLN B 124 8.81 -8.13 -10.24
CA GLN B 124 8.91 -8.96 -11.41
C GLN B 124 7.76 -9.96 -11.48
N VAL B 125 7.44 -10.60 -10.33
CA VAL B 125 6.32 -11.53 -10.19
C VAL B 125 5.06 -10.72 -10.56
N GLY B 126 4.92 -9.53 -10.03
CA GLY B 126 3.72 -8.72 -10.41
C GLY B 126 3.54 -8.51 -11.90
N ASP B 127 4.62 -8.18 -12.60
CA ASP B 127 4.58 -8.05 -14.10
C ASP B 127 4.13 -9.35 -14.74
N LEU B 128 4.58 -10.51 -14.22
CA LEU B 128 4.17 -11.79 -14.80
C LEU B 128 2.66 -12.03 -14.58
N ILE B 129 2.15 -11.70 -13.38
CA ILE B 129 0.76 -11.82 -13.08
C ILE B 129 -0.06 -10.89 -14.01
N ILE B 130 0.39 -9.69 -14.21
CA ILE B 130 -0.36 -8.68 -15.10
C ILE B 130 -0.39 -9.23 -16.54
N THR B 131 0.72 -9.78 -16.97
CA THR B 131 0.82 -10.40 -18.31
C THR B 131 -0.04 -11.62 -18.41
N LYS B 132 -0.06 -12.50 -17.48
CA LYS B 132 -0.95 -13.61 -17.54
C LYS B 132 -2.40 -13.18 -17.54
N ASN B 133 -2.74 -12.17 -16.76
CA ASN B 133 -4.15 -11.77 -16.68
C ASN B 133 -4.59 -11.30 -18.07
N LYS B 134 -3.72 -10.63 -18.76
CA LYS B 134 -4.04 -10.00 -20.06
C LYS B 134 -4.01 -10.99 -21.20
N LYS B 135 -2.93 -11.79 -21.24
CA LYS B 135 -2.62 -12.73 -22.41
C LYS B 135 -3.01 -14.11 -22.17
N VAL B 136 -3.73 -14.35 -21.07
CA VAL B 136 -4.10 -15.71 -20.64
C VAL B 136 -2.93 -16.64 -20.22
N THR B 137 -1.86 -16.76 -21.04
CA THR B 137 -0.68 -17.51 -20.66
C THR B 137 0.51 -16.59 -20.24
N LEU B 138 1.47 -17.23 -19.55
CA LEU B 138 2.72 -16.52 -19.15
C LEU B 138 3.63 -16.28 -20.35
N PRO B 139 4.46 -15.22 -20.33
CA PRO B 139 5.47 -14.97 -21.36
C PRO B 139 6.56 -15.98 -21.19
N ASN B 140 7.49 -16.03 -22.10
CA ASN B 140 8.58 -17.00 -21.89
C ASN B 140 9.80 -16.43 -21.14
N LYS B 141 9.84 -15.11 -20.87
CA LYS B 141 11.03 -14.49 -20.25
C LYS B 141 10.49 -13.45 -19.26
N VAL B 142 11.36 -13.08 -18.32
CA VAL B 142 10.94 -12.09 -17.32
C VAL B 142 11.50 -10.73 -17.78
N LYS B 143 11.06 -9.64 -17.15
CA LYS B 143 11.48 -8.24 -17.46
C LYS B 143 12.40 -7.70 -16.35
N SER B 144 13.47 -7.08 -16.78
CA SER B 144 14.38 -6.38 -15.87
C SER B 144 13.68 -5.18 -15.16
N LEU B 145 14.33 -4.75 -14.06
CA LEU B 145 13.78 -3.62 -13.31
C LEU B 145 13.66 -2.42 -14.27
N GLY B 146 14.73 -2.20 -15.01
CA GLY B 146 14.68 -1.05 -15.96
C GLY B 146 13.60 -1.22 -17.02
N GLU B 147 13.38 -2.41 -17.50
CA GLU B 147 12.29 -2.65 -18.49
C GLU B 147 10.97 -2.40 -17.87
N CYS B 148 10.78 -2.79 -16.61
CA CYS B 148 9.56 -2.44 -15.95
C CYS B 148 9.36 -0.97 -15.66
N LEU B 149 10.39 -0.26 -15.27
CA LEU B 149 10.32 1.16 -15.04
C LEU B 149 9.91 1.92 -16.39
N THR B 150 10.45 1.46 -17.46
CA THR B 150 10.01 2.05 -18.80
C THR B 150 8.54 1.69 -19.08
N ASN B 151 8.18 0.39 -18.96
CA ASN B 151 6.87 -0.05 -19.26
C ASN B 151 5.74 0.50 -18.41
N TYR B 152 5.91 0.57 -17.08
CA TYR B 152 4.92 0.95 -16.20
C TYR B 152 4.98 2.42 -15.84
N LEU B 153 6.17 3.02 -15.81
CA LEU B 153 6.28 4.42 -15.35
C LEU B 153 6.62 5.36 -16.51
N GLY B 154 7.05 4.84 -17.63
CA GLY B 154 7.48 5.68 -18.73
C GLY B 154 8.84 6.19 -18.66
N LEU B 155 9.71 5.64 -17.79
CA LEU B 155 11.03 6.18 -17.66
C LEU B 155 11.92 5.80 -18.88
N GLN B 156 12.98 6.56 -19.06
CA GLN B 156 13.95 6.32 -20.15
C GLN B 156 14.63 4.94 -19.94
N GLN B 157 15.01 4.30 -21.04
CA GLN B 157 15.73 3.00 -20.94
C GLN B 157 16.98 2.90 -20.15
N ASN B 158 17.70 3.98 -19.96
CA ASN B 158 19.02 3.79 -19.25
C ASN B 158 19.04 4.12 -17.76
N THR B 159 17.88 4.07 -17.09
CA THR B 159 17.77 4.65 -15.79
C THR B 159 18.56 3.82 -14.83
N ILE B 160 18.61 2.49 -14.97
CA ILE B 160 19.22 1.61 -13.92
C ILE B 160 20.68 1.41 -14.38
N ASP B 161 21.63 1.53 -13.48
CA ASP B 161 23.02 1.11 -13.73
C ASP B 161 23.16 -0.30 -13.38
N GLU B 162 23.21 -1.13 -14.40
CA GLU B 162 23.19 -2.57 -14.23
C GLU B 162 24.53 -3.23 -14.01
N LYS B 163 25.62 -2.53 -14.24
CA LYS B 163 26.94 -3.18 -14.14
C LYS B 163 27.70 -2.39 -13.14
N LEU B 164 27.41 -2.59 -11.86
CA LEU B 164 28.30 -2.00 -10.90
C LEU B 164 29.58 -2.94 -10.86
N ASP B 165 30.69 -2.32 -10.72
CA ASP B 165 31.93 -3.06 -10.73
C ASP B 165 32.18 -3.80 -9.38
N ILE B 166 32.42 -5.10 -9.45
CA ILE B 166 32.55 -5.88 -8.24
C ILE B 166 33.74 -5.34 -7.41
N VAL B 167 34.87 -5.02 -8.05
CA VAL B 167 36.02 -4.54 -7.25
C VAL B 167 35.86 -3.19 -6.59
N GLN B 168 35.34 -2.20 -7.27
CA GLN B 168 35.11 -0.89 -6.68
C GLN B 168 34.06 -1.01 -5.55
N SER B 169 33.13 -1.95 -5.74
CA SER B 169 32.04 -2.07 -4.67
C SER B 169 32.64 -2.49 -3.34
N THR B 170 33.83 -3.12 -3.32
CA THR B 170 34.48 -3.56 -2.10
C THR B 170 35.62 -2.63 -1.66
N GLU B 171 35.91 -1.60 -2.43
CA GLU B 171 36.91 -0.64 -1.98
C GLU B 171 36.35 0.40 -1.04
N ARG B 172 37.13 0.80 -0.04
CA ARG B 172 36.68 1.79 0.95
C ARG B 172 37.73 2.87 0.94
N PRO B 173 37.40 4.13 1.04
CA PRO B 173 36.02 4.66 1.21
C PRO B 173 35.15 4.33 0.00
N LEU B 174 33.87 4.08 0.26
CA LEU B 174 33.00 3.77 -0.84
C LEU B 174 32.78 5.02 -1.69
N SER B 175 32.98 4.88 -2.99
CA SER B 175 32.92 6.06 -3.80
C SER B 175 31.56 6.77 -3.87
N VAL B 176 31.55 8.07 -4.08
CA VAL B 176 30.34 8.84 -4.27
C VAL B 176 29.65 8.40 -5.52
N LYS B 177 30.43 8.01 -6.55
CA LYS B 177 29.81 7.56 -7.79
C LYS B 177 28.99 6.30 -7.57
N ILE B 178 29.53 5.38 -6.79
CA ILE B 178 28.80 4.09 -6.48
C ILE B 178 27.61 4.40 -5.57
N LYS B 179 27.71 5.28 -4.58
CA LYS B 179 26.58 5.55 -3.72
C LYS B 179 25.47 6.20 -4.46
N ASP B 180 25.85 7.10 -5.38
CA ASP B 180 24.85 7.76 -6.17
C ASP B 180 24.08 6.81 -7.12
N SER B 181 24.82 5.83 -7.65
CA SER B 181 24.23 4.79 -8.53
C SER B 181 23.28 3.92 -7.68
N LEU B 182 23.73 3.54 -6.51
CA LEU B 182 22.85 2.67 -5.66
C LEU B 182 21.59 3.32 -5.33
N ALA B 183 21.64 4.60 -5.02
CA ALA B 183 20.42 5.34 -4.70
C ALA B 183 19.55 5.49 -5.90
N ARG B 184 20.10 5.83 -7.06
CA ARG B 184 19.24 5.98 -8.28
C ARG B 184 18.61 4.67 -8.65
N ASN B 185 19.28 3.57 -8.39
CA ASN B 185 18.78 2.23 -8.78
C ASN B 185 17.62 1.76 -7.88
N ILE B 186 17.55 2.29 -6.67
CA ILE B 186 16.38 1.95 -5.81
C ILE B 186 15.26 3.00 -5.82
N ALA B 187 15.54 4.21 -6.31
CA ALA B 187 14.69 5.32 -6.02
C ALA B 187 13.22 5.16 -6.53
N PHE B 188 13.02 4.52 -7.69
CA PHE B 188 11.73 4.34 -8.25
C PHE B 188 11.05 3.05 -7.87
N LEU B 189 11.68 2.16 -7.07
CA LEU B 189 11.11 0.90 -6.78
C LEU B 189 9.85 0.97 -5.92
N HIS B 190 9.79 1.87 -4.90
CA HIS B 190 8.57 2.04 -4.13
C HIS B 190 7.40 2.37 -5.06
N HIS B 191 7.63 3.35 -5.93
CA HIS B 191 6.61 3.75 -6.83
C HIS B 191 6.14 2.68 -7.79
N LEU B 192 7.09 1.95 -8.35
CA LEU B 192 6.83 0.88 -9.26
C LEU B 192 5.85 -0.07 -8.59
N SER B 193 6.09 -0.44 -7.35
CA SER B 193 5.28 -1.37 -6.65
C SER B 193 3.84 -0.86 -6.55
N GLU B 194 3.64 0.44 -6.33
CA GLU B 194 2.27 0.91 -6.16
C GLU B 194 1.51 0.82 -7.46
N VAL B 195 2.22 1.10 -8.54
CA VAL B 195 1.60 1.02 -9.88
C VAL B 195 1.27 -0.43 -10.25
N ILE B 196 2.26 -1.32 -10.03
CA ILE B 196 2.00 -2.73 -10.36
C ILE B 196 0.90 -3.29 -9.49
N ASN B 197 0.81 -2.95 -8.19
CA ASN B 197 -0.24 -3.48 -7.34
C ASN B 197 -1.60 -3.10 -7.92
N GLU B 198 -1.75 -1.86 -8.37
CA GLU B 198 -3.08 -1.39 -8.92
C GLU B 198 -3.38 -2.11 -10.20
N GLU B 199 -2.39 -2.27 -11.02
CA GLU B 199 -2.55 -2.89 -12.37
C GLU B 199 -2.89 -4.35 -12.30
N MET B 200 -2.56 -5.01 -11.17
CA MET B 200 -2.95 -6.38 -10.89
C MET B 200 -4.45 -6.59 -10.59
N GLN B 201 -5.18 -5.49 -10.36
CA GLN B 201 -6.49 -5.59 -9.72
C GLN B 201 -7.53 -4.87 -10.57
N LEU B 202 -7.51 -5.12 -11.89
CA LEU B 202 -8.46 -4.36 -12.80
C LEU B 202 -9.93 -4.64 -12.55
N PRO B 203 -10.35 -5.89 -12.21
CA PRO B 203 -11.77 -6.12 -11.91
C PRO B 203 -12.22 -5.40 -10.64
N PHE B 204 -11.36 -5.46 -9.62
CA PHE B 204 -11.58 -4.71 -8.34
C PHE B 204 -11.85 -3.25 -8.64
N TYR B 205 -10.99 -2.60 -9.41
CA TYR B 205 -11.12 -1.18 -9.67
C TYR B 205 -12.36 -0.84 -10.48
N ARG B 206 -12.74 -1.75 -11.39
CA ARG B 206 -14.09 -1.58 -12.08
C ARG B 206 -15.21 -1.65 -11.11
N GLY B 207 -15.13 -2.57 -10.10
CA GLY B 207 -16.13 -2.65 -9.07
C GLY B 207 -16.21 -1.39 -8.21
N VAL B 208 -15.06 -0.82 -7.91
CA VAL B 208 -15.00 0.46 -7.21
C VAL B 208 -15.70 1.55 -7.97
N GLU B 209 -15.41 1.65 -9.24
CA GLU B 209 -15.99 2.70 -10.08
C GLU B 209 -17.51 2.50 -10.16
N CYS B 210 -18.00 1.27 -10.21
CA CYS B 210 -19.43 0.99 -10.14
C CYS B 210 -19.99 1.62 -8.81
N TYR B 211 -19.37 1.34 -7.64
CA TYR B 211 -19.82 1.88 -6.36
C TYR B 211 -19.82 3.43 -6.35
N ILE B 212 -18.74 4.00 -6.83
CA ILE B 212 -18.56 5.48 -6.71
C ILE B 212 -19.70 6.11 -7.50
N GLU B 213 -20.06 5.59 -8.64
CA GLU B 213 -21.15 6.15 -9.51
C GLU B 213 -22.55 5.76 -9.14
N ASN B 214 -22.77 4.66 -8.42
CA ASN B 214 -24.08 3.95 -8.41
C ASN B 214 -25.24 4.88 -7.93
N ILE B 215 -25.04 5.54 -6.78
CA ILE B 215 -26.00 6.49 -6.29
C ILE B 215 -25.74 7.87 -6.87
N ARG B 216 -24.48 8.32 -6.82
CA ARG B 216 -24.15 9.69 -7.22
C ARG B 216 -24.74 10.04 -8.62
N SER B 217 -24.64 9.15 -9.60
CA SER B 217 -25.11 9.50 -10.96
C SER B 217 -26.59 9.32 -11.13
N SER B 218 -27.34 8.85 -10.19
CA SER B 218 -28.77 8.61 -10.38
C SER B 218 -29.60 9.82 -10.16
N ASP B 219 -30.79 9.87 -10.76
CA ASP B 219 -31.79 10.90 -10.41
C ASP B 219 -32.24 10.72 -8.98
N ASP B 220 -32.92 11.71 -8.43
CA ASP B 220 -33.20 11.72 -7.00
C ASP B 220 -34.00 10.47 -6.59
N PHE B 221 -35.07 10.15 -7.31
CA PHE B 221 -35.91 9.04 -6.83
C PHE B 221 -35.20 7.74 -6.87
N LYS B 222 -34.44 7.50 -7.94
CA LYS B 222 -33.61 6.33 -7.99
C LYS B 222 -32.56 6.23 -6.92
N ALA B 223 -31.94 7.36 -6.66
CA ALA B 223 -30.89 7.45 -5.67
C ALA B 223 -31.45 7.12 -4.29
N TRP B 224 -32.59 7.70 -3.99
CA TRP B 224 -33.22 7.40 -2.68
C TRP B 224 -33.62 5.92 -2.61
N GLU B 225 -34.16 5.30 -3.63
CA GLU B 225 -34.42 3.83 -3.67
C GLU B 225 -33.14 3.04 -3.36
N LEU B 226 -32.02 3.44 -3.97
CA LEU B 226 -30.76 2.72 -3.76
C LEU B 226 -30.21 2.89 -2.39
N CYS B 227 -30.44 4.03 -1.77
CA CYS B 227 -30.05 4.27 -0.35
C CYS B 227 -30.78 3.26 0.53
N GLY B 228 -31.92 2.75 0.14
CA GLY B 228 -32.62 1.69 0.95
C GLY B 228 -32.28 0.25 0.62
N LYS B 229 -31.30 0.05 -0.24
CA LYS B 229 -30.91 -1.27 -0.69
C LYS B 229 -29.42 -1.52 -0.62
N LEU B 230 -28.83 -0.97 0.39
CA LEU B 230 -27.39 -1.03 0.48
C LEU B 230 -26.91 -2.37 1.01
N ASN B 231 -27.80 -3.26 1.52
CA ASN B 231 -27.29 -4.61 1.76
C ASN B 231 -27.12 -5.41 0.47
N GLN B 232 -27.54 -4.87 -0.71
CA GLN B 232 -27.52 -5.54 -1.98
C GLN B 232 -26.30 -4.98 -2.73
N ILE B 233 -25.77 -5.84 -3.53
CA ILE B 233 -24.81 -5.47 -4.53
C ILE B 233 -25.49 -4.70 -5.59
N PRO B 234 -24.89 -3.66 -6.13
CA PRO B 234 -25.45 -2.95 -7.29
C PRO B 234 -25.77 -3.87 -8.46
N LYS B 235 -26.84 -3.57 -9.19
CA LYS B 235 -27.27 -4.44 -10.27
C LYS B 235 -26.24 -4.59 -11.39
N GLU B 236 -25.47 -3.57 -11.64
CA GLU B 236 -24.43 -3.56 -12.72
C GLU B 236 -23.06 -4.07 -12.23
N PHE B 237 -22.96 -4.50 -11.01
CA PHE B 237 -21.66 -4.85 -10.45
C PHE B 237 -21.05 -6.13 -11.01
N ARG B 238 -21.84 -7.18 -11.14
CA ARG B 238 -21.33 -8.46 -11.66
C ARG B 238 -20.75 -8.26 -13.08
N ASN B 239 -21.51 -7.58 -13.97
CA ASN B 239 -20.97 -7.32 -15.29
C ASN B 239 -19.82 -6.39 -15.28
N ALA B 240 -19.78 -5.43 -14.33
CA ALA B 240 -18.63 -4.56 -14.29
C ALA B 240 -17.38 -5.24 -14.05
N ILE B 241 -17.34 -6.11 -13.05
CA ILE B 241 -16.11 -6.74 -12.71
C ILE B 241 -15.75 -7.86 -13.62
N ASP B 242 -16.71 -8.35 -14.37
CA ASP B 242 -16.38 -9.38 -15.37
C ASP B 242 -15.30 -8.99 -16.34
N TYR B 243 -14.66 -10.01 -16.92
CA TYR B 243 -13.63 -9.77 -17.99
C TYR B 243 -13.63 -10.95 -18.97
GD GD C . -0.63 -0.04 8.06
GD GD D . 1.21 21.58 15.42
GD GD E . 4.27 6.21 -2.91
#